data_3TQM
#
_entry.id   3TQM
#
_cell.length_a   35.558
_cell.length_b   52.616
_cell.length_c   71.295
_cell.angle_alpha   115.950
_cell.angle_beta   90.020
_cell.angle_gamma   102.320
#
_symmetry.space_group_name_H-M   'P 1'
#
loop_
_entity.id
_entity.type
_entity.pdbx_description
1 polymer 'Ribosome-associated factor Y'
2 non-polymer 'SULFATE ION'
3 water water
#
_entity_poly.entity_id   1
_entity_poly.type   'polypeptide(L)'
_entity_poly.pdbx_seq_one_letter_code
;(MSE)HIQ(MSE)TGQGVDISPALRELTEKKLHRIQPCRDEISNIHIIFHINKLKKIVDANVKLPGSTINAQAESDD
(MSE)YKTVDLL(MSE)HKLETQLSKYKAKKGDHR
;
_entity_poly.pdbx_strand_id   A,B,C,D
#
loop_
_chem_comp.id
_chem_comp.type
_chem_comp.name
_chem_comp.formula
SO4 non-polymer 'SULFATE ION' 'O4 S -2'
#
# COMPACT_ATOMS: atom_id res chain seq x y z
N MSE A 1 10.19 7.22 -9.55
CA MSE A 1 9.65 5.86 -9.72
C MSE A 1 8.41 5.65 -8.86
O MSE A 1 8.37 6.04 -7.69
CB MSE A 1 10.70 4.82 -9.37
CG MSE A 1 10.20 3.39 -9.53
SE MSE A 1 11.59 2.05 -9.24
CE MSE A 1 12.08 2.49 -7.41
N HIS A 2 7.39 5.04 -9.44
CA HIS A 2 6.15 4.77 -8.74
C HIS A 2 6.04 3.30 -8.36
N ILE A 3 5.89 3.04 -7.06
CA ILE A 3 5.81 1.67 -6.55
C ILE A 3 4.47 1.39 -5.89
N GLN A 4 3.77 0.37 -6.38
CA GLN A 4 2.54 -0.08 -5.76
C GLN A 4 2.70 -1.49 -5.23
N MSE A 5 2.23 -1.73 -4.01
CA MSE A 5 2.35 -3.05 -3.39
C MSE A 5 1.00 -3.59 -2.95
O MSE A 5 0.22 -2.90 -2.28
CB MSE A 5 3.30 -2.99 -2.19
CG MSE A 5 4.69 -2.47 -2.51
SE MSE A 5 5.95 -2.88 -1.08
CE MSE A 5 7.44 -1.78 -1.69
N THR A 6 0.72 -4.83 -3.32
CA THR A 6 -0.53 -5.48 -2.97
C THR A 6 -0.29 -6.81 -2.27
N GLY A 7 -0.88 -6.97 -1.09
CA GLY A 7 -0.84 -8.23 -0.38
C GLY A 7 -2.07 -9.04 -0.70
N GLN A 8 -1.88 -10.18 -1.35
CA GLN A 8 -3.00 -11.03 -1.69
C GLN A 8 -3.14 -12.17 -0.68
N GLY A 9 -4.03 -11.96 0.29
CA GLY A 9 -4.23 -12.93 1.35
C GLY A 9 -3.19 -12.74 2.44
N VAL A 10 -2.43 -11.66 2.34
CA VAL A 10 -1.39 -11.36 3.31
C VAL A 10 -1.27 -9.86 3.58
N ASP A 11 -1.01 -9.52 4.84
CA ASP A 11 -0.79 -8.13 5.22
C ASP A 11 0.70 -7.81 5.13
N ILE A 12 1.04 -6.88 4.24
CA ILE A 12 2.42 -6.43 4.11
C ILE A 12 2.84 -5.64 5.32
N SER A 13 3.74 -6.21 6.12
CA SER A 13 4.23 -5.52 7.31
C SER A 13 5.00 -4.27 6.90
N PRO A 14 5.06 -3.27 7.80
CA PRO A 14 5.80 -2.04 7.55
C PRO A 14 7.27 -2.31 7.25
N ALA A 15 7.87 -3.21 8.03
CA ALA A 15 9.28 -3.54 7.86
C ALA A 15 9.54 -4.15 6.48
N LEU A 16 8.67 -5.05 6.05
CA LEU A 16 8.81 -5.68 4.76
C LEU A 16 8.57 -4.68 3.65
N ARG A 17 7.71 -3.70 3.94
CA ARG A 17 7.41 -2.65 2.98
C ARG A 17 8.60 -1.73 2.78
N GLU A 18 9.24 -1.36 3.88
CA GLU A 18 10.42 -0.51 3.82
C GLU A 18 11.57 -1.23 3.15
N LEU A 19 11.80 -2.47 3.57
CA LEU A 19 12.86 -3.30 3.01
C LEU A 19 12.75 -3.40 1.49
N THR A 20 11.55 -3.66 1.00
CA THR A 20 11.33 -3.82 -0.43
C THR A 20 11.54 -2.51 -1.17
N GLU A 21 11.11 -1.42 -0.55
CA GLU A 21 11.30 -0.09 -1.12
C GLU A 21 12.76 0.23 -1.36
N LYS A 22 13.57 0.09 -0.32
CA LYS A 22 14.98 0.50 -0.40
C LYS A 22 15.77 -0.38 -1.36
N LYS A 23 15.38 -1.63 -1.51
CA LYS A 23 16.04 -2.53 -2.45
C LYS A 23 15.71 -2.20 -3.90
N LEU A 24 14.47 -1.77 -4.13
CA LEU A 24 14.06 -1.37 -5.47
C LEU A 24 14.76 -0.09 -5.88
N HIS A 25 15.00 0.78 -4.91
CA HIS A 25 15.68 2.04 -5.17
C HIS A 25 17.18 1.83 -5.41
N ARG A 26 17.62 0.59 -5.25
CA ARG A 26 19.03 0.23 -5.46
C ARG A 26 19.21 -0.55 -6.75
N ILE A 27 18.11 -0.96 -7.37
CA ILE A 27 18.18 -1.85 -8.52
C ILE A 27 18.78 -1.20 -9.75
N GLN A 28 19.48 -2.00 -10.55
CA GLN A 28 20.12 -1.52 -11.76
C GLN A 28 20.45 -2.72 -12.66
N PRO A 29 20.71 -2.47 -13.95
CA PRO A 29 20.81 -1.14 -14.57
C PRO A 29 19.47 -0.56 -15.00
N CYS A 30 19.50 0.67 -15.51
CA CYS A 30 18.33 1.30 -16.13
C CYS A 30 17.16 1.55 -15.18
N ARG A 31 17.46 1.73 -13.89
CA ARG A 31 16.42 1.96 -12.90
C ARG A 31 15.64 3.24 -13.19
N ASP A 32 16.33 4.26 -13.65
CA ASP A 32 15.70 5.56 -13.86
C ASP A 32 14.82 5.60 -15.11
N GLU A 33 14.78 4.49 -15.84
CA GLU A 33 13.93 4.38 -17.01
C GLU A 33 12.62 3.69 -16.65
N ILE A 34 12.56 3.20 -15.42
CA ILE A 34 11.35 2.55 -14.91
C ILE A 34 10.31 3.58 -14.50
N SER A 35 9.07 3.40 -14.97
CA SER A 35 7.99 4.31 -14.64
C SER A 35 7.12 3.74 -13.52
N ASN A 36 6.67 2.50 -13.69
CA ASN A 36 5.81 1.85 -12.70
C ASN A 36 6.29 0.47 -12.26
N ILE A 37 6.25 0.22 -10.97
CA ILE A 37 6.51 -1.10 -10.43
C ILE A 37 5.33 -1.52 -9.56
N HIS A 38 4.69 -2.63 -9.93
CA HIS A 38 3.63 -3.17 -9.10
C HIS A 38 4.05 -4.52 -8.52
N ILE A 39 4.14 -4.57 -7.20
CA ILE A 39 4.57 -5.77 -6.50
C ILE A 39 3.41 -6.46 -5.81
N ILE A 40 3.37 -7.78 -5.89
CA ILE A 40 2.31 -8.56 -5.28
C ILE A 40 2.87 -9.66 -4.38
N PHE A 41 2.61 -9.55 -3.08
CA PHE A 41 3.01 -10.55 -2.12
C PHE A 41 1.90 -11.59 -1.95
N HIS A 42 2.28 -12.84 -1.76
N HIS A 42 2.27 -12.84 -1.81
CA HIS A 42 1.31 -13.93 -1.67
CA HIS A 42 1.29 -13.88 -1.51
C HIS A 42 1.95 -15.20 -1.10
C HIS A 42 1.96 -15.15 -1.04
N ILE A 43 1.21 -15.93 -0.27
CA ILE A 43 1.70 -17.18 0.28
C ILE A 43 0.84 -18.35 -0.17
N ASN A 44 1.50 -19.45 -0.54
CA ASN A 44 0.81 -20.68 -0.88
C ASN A 44 1.34 -21.80 0.01
N LYS A 45 0.67 -22.03 1.12
CA LYS A 45 1.14 -22.95 2.16
C LYS A 45 2.44 -22.45 2.77
N LEU A 46 3.54 -23.15 2.49
CA LEU A 46 4.84 -22.77 3.02
C LEU A 46 5.61 -21.85 2.07
N LYS A 47 5.07 -21.66 0.87
CA LYS A 47 5.73 -20.86 -0.14
C LYS A 47 5.43 -19.36 0.01
N LYS A 48 6.49 -18.57 0.14
CA LYS A 48 6.36 -17.12 0.23
C LYS A 48 6.68 -16.50 -1.12
N ILE A 49 5.68 -16.44 -2.00
CA ILE A 49 5.88 -15.92 -3.35
C ILE A 49 5.80 -14.40 -3.43
N VAL A 50 6.76 -13.80 -4.14
CA VAL A 50 6.70 -12.38 -4.45
C VAL A 50 6.78 -12.18 -5.96
N ASP A 51 5.83 -11.43 -6.51
CA ASP A 51 5.73 -11.23 -7.95
C ASP A 51 5.84 -9.73 -8.27
N ALA A 52 6.44 -9.42 -9.42
CA ALA A 52 6.69 -8.02 -9.78
C ALA A 52 6.41 -7.73 -11.25
N ASN A 53 5.75 -6.60 -11.51
CA ASN A 53 5.50 -6.13 -12.87
C ASN A 53 6.14 -4.75 -13.06
N VAL A 54 7.17 -4.69 -13.90
CA VAL A 54 7.92 -3.46 -14.09
C VAL A 54 7.76 -2.88 -15.49
N LYS A 55 7.45 -1.59 -15.55
CA LYS A 55 7.17 -0.92 -16.82
C LYS A 55 8.31 0.01 -17.23
N LEU A 56 8.90 -0.29 -18.39
CA LEU A 56 9.93 0.53 -18.98
C LEU A 56 9.38 1.09 -20.28
N PRO A 57 10.05 2.09 -20.87
CA PRO A 57 9.59 2.62 -22.16
C PRO A 57 9.69 1.57 -23.26
N GLY A 58 8.55 1.10 -23.76
CA GLY A 58 8.53 0.18 -24.87
C GLY A 58 8.39 -1.29 -24.51
N SER A 59 8.56 -1.62 -23.23
CA SER A 59 8.50 -3.01 -22.81
C SER A 59 8.06 -3.19 -21.36
N THR A 60 7.86 -4.44 -20.96
CA THR A 60 7.41 -4.75 -19.62
C THR A 60 8.13 -6.00 -19.09
N ILE A 61 8.60 -5.93 -17.85
CA ILE A 61 9.26 -7.05 -17.21
C ILE A 61 8.36 -7.69 -16.15
N ASN A 62 8.13 -8.99 -16.27
CA ASN A 62 7.43 -9.74 -15.24
C ASN A 62 8.34 -10.80 -14.63
N ALA A 63 8.52 -10.75 -13.32
CA ALA A 63 9.38 -11.69 -12.62
C ALA A 63 8.74 -12.21 -11.34
N GLN A 64 9.01 -13.47 -11.01
CA GLN A 64 8.47 -14.09 -9.81
C GLN A 64 9.50 -14.96 -9.11
N ALA A 65 9.51 -14.92 -7.78
CA ALA A 65 10.40 -15.76 -6.98
C ALA A 65 9.68 -16.25 -5.73
N GLU A 66 10.24 -17.25 -5.08
CA GLU A 66 9.61 -17.84 -3.91
C GLU A 66 10.62 -18.49 -2.97
N SER A 67 10.23 -18.62 -1.71
CA SER A 67 11.05 -19.29 -0.70
C SER A 67 10.22 -19.45 0.57
N ASP A 68 10.85 -19.93 1.64
CA ASP A 68 10.16 -20.14 2.90
C ASP A 68 10.09 -18.87 3.72
N ASP A 69 10.71 -17.81 3.21
CA ASP A 69 10.81 -16.56 3.93
C ASP A 69 10.57 -15.37 3.00
N MSE A 70 9.59 -14.55 3.33
CA MSE A 70 9.19 -13.45 2.47
C MSE A 70 10.32 -12.46 2.23
O MSE A 70 10.48 -11.95 1.11
CB MSE A 70 7.98 -12.72 3.06
CG MSE A 70 7.26 -11.85 2.05
SE MSE A 70 6.27 -12.90 0.72
CE MSE A 70 4.71 -13.35 1.79
N TYR A 71 11.10 -12.18 3.26
CA TYR A 71 12.24 -11.28 3.13
C TYR A 71 13.28 -11.85 2.18
N LYS A 72 13.54 -13.15 2.30
CA LYS A 72 14.48 -13.84 1.43
C LYS A 72 13.97 -13.85 0.00
N THR A 73 12.66 -13.98 -0.16
CA THR A 73 12.04 -13.99 -1.48
C THR A 73 12.24 -12.68 -2.22
N VAL A 74 12.03 -11.57 -1.50
CA VAL A 74 12.25 -10.24 -2.07
C VAL A 74 13.65 -10.14 -2.64
N ASP A 75 14.62 -10.56 -1.84
CA ASP A 75 16.02 -10.55 -2.24
C ASP A 75 16.22 -11.32 -3.54
N LEU A 76 15.58 -12.48 -3.64
CA LEU A 76 15.68 -13.31 -4.85
C LEU A 76 15.07 -12.61 -6.06
N LEU A 77 13.91 -11.99 -5.86
CA LEU A 77 13.21 -11.32 -6.95
C LEU A 77 14.03 -10.16 -7.52
N MSE A 78 14.82 -9.51 -6.67
CA MSE A 78 15.68 -8.42 -7.11
C MSE A 78 16.72 -8.90 -8.11
O MSE A 78 16.98 -8.25 -9.11
CB MSE A 78 16.36 -7.74 -5.92
CG MSE A 78 15.42 -7.13 -4.90
SE MSE A 78 14.23 -5.76 -5.64
CE MSE A 78 12.63 -6.84 -5.88
N HIS A 79 17.31 -10.06 -7.84
CA HIS A 79 18.30 -10.65 -8.74
C HIS A 79 17.69 -11.00 -10.08
N LYS A 80 16.48 -11.52 -10.06
CA LYS A 80 15.76 -11.84 -11.29
C LYS A 80 15.44 -10.56 -12.07
N LEU A 81 15.07 -9.50 -11.35
CA LEU A 81 14.80 -8.21 -11.97
C LEU A 81 16.05 -7.64 -12.63
N GLU A 82 17.16 -7.62 -11.88
CA GLU A 82 18.42 -7.09 -12.40
C GLU A 82 18.84 -7.84 -13.66
N THR A 83 18.70 -9.16 -13.63
CA THR A 83 18.97 -9.97 -14.81
C THR A 83 18.14 -9.47 -15.98
N GLN A 84 16.84 -9.32 -15.77
CA GLN A 84 15.92 -8.91 -16.83
C GLN A 84 16.18 -7.48 -17.31
N LEU A 85 16.62 -6.62 -16.39
CA LEU A 85 16.99 -5.27 -16.73
C LEU A 85 18.28 -5.24 -17.55
N SER A 86 19.20 -6.14 -17.27
CA SER A 86 20.44 -6.22 -18.02
C SER A 86 20.21 -6.69 -19.45
N LYS A 87 19.22 -7.57 -19.64
CA LYS A 87 18.84 -7.99 -20.98
C LYS A 87 18.18 -6.83 -21.72
N TYR A 88 17.29 -6.13 -21.02
CA TYR A 88 16.66 -4.93 -21.56
C TYR A 88 17.72 -3.96 -22.08
N LYS A 89 18.70 -3.67 -21.24
CA LYS A 89 19.78 -2.77 -21.60
C LYS A 89 20.58 -3.30 -22.79
N ALA A 90 20.79 -4.62 -22.81
CA ALA A 90 21.57 -5.25 -23.87
C ALA A 90 20.86 -5.26 -25.21
N LYS A 91 19.60 -4.81 -25.24
CA LYS A 91 18.84 -4.79 -26.48
C LYS A 91 18.73 -3.38 -27.08
N MSE B 1 20.53 5.70 14.44
CA MSE B 1 19.38 6.46 13.94
C MSE B 1 18.69 5.71 12.81
O MSE B 1 19.27 5.51 11.74
CB MSE B 1 19.82 7.85 13.45
CG MSE B 1 19.26 9.02 14.27
SE MSE B 1 18.37 10.40 13.19
CE MSE B 1 19.74 10.72 11.84
N HIS B 2 17.44 5.32 13.03
CA HIS B 2 16.64 4.71 11.98
C HIS B 2 15.67 5.73 11.40
N ILE B 3 15.81 6.03 10.12
CA ILE B 3 14.93 7.00 9.46
C ILE B 3 13.96 6.30 8.52
N GLN B 4 12.68 6.62 8.65
CA GLN B 4 11.67 6.14 7.73
C GLN B 4 11.04 7.32 7.02
N MSE B 5 10.69 7.14 5.76
CA MSE B 5 10.05 8.22 5.00
C MSE B 5 8.88 7.70 4.17
O MSE B 5 9.01 6.77 3.37
CB MSE B 5 11.08 8.91 4.09
CG MSE B 5 12.23 9.54 4.84
SE MSE B 5 13.23 10.78 3.72
CE MSE B 5 14.73 11.12 4.92
N THR B 6 7.72 8.32 4.37
CA THR B 6 6.52 7.92 3.65
C THR B 6 5.88 9.08 2.92
N GLY B 7 5.64 8.92 1.62
CA GLY B 7 4.91 9.89 0.85
C GLY B 7 3.44 9.55 0.80
N GLN B 8 2.61 10.44 1.32
CA GLN B 8 1.18 10.19 1.34
C GLN B 8 0.50 10.85 0.13
N GLY B 9 0.24 10.06 -0.89
CA GLY B 9 -0.35 10.56 -2.12
C GLY B 9 0.73 11.09 -3.05
N VAL B 10 1.94 11.24 -2.53
CA VAL B 10 3.08 11.71 -3.30
C VAL B 10 4.23 10.70 -3.33
N ASP B 11 5.05 10.77 -4.37
CA ASP B 11 6.25 9.96 -4.45
C ASP B 11 7.45 10.82 -4.10
N ILE B 12 8.24 10.36 -3.14
CA ILE B 12 9.46 11.07 -2.74
C ILE B 12 10.59 10.80 -3.72
N SER B 13 11.09 11.85 -4.34
CA SER B 13 12.20 11.71 -5.28
C SER B 13 13.45 11.29 -4.52
N PRO B 14 14.36 10.58 -5.21
CA PRO B 14 15.65 10.22 -4.60
C PRO B 14 16.37 11.46 -4.05
N ALA B 15 16.37 12.52 -4.82
CA ALA B 15 17.05 13.76 -4.45
C ALA B 15 16.53 14.31 -3.11
N LEU B 16 15.22 14.43 -2.99
CA LEU B 16 14.63 14.95 -1.76
C LEU B 16 14.93 14.04 -0.58
N ARG B 17 14.90 12.74 -0.84
CA ARG B 17 15.22 11.76 0.20
C ARG B 17 16.63 11.98 0.72
N GLU B 18 17.61 11.91 -0.18
CA GLU B 18 19.00 12.13 0.16
C GLU B 18 19.15 13.42 0.98
N LEU B 19 18.48 14.48 0.51
CA LEU B 19 18.56 15.78 1.14
C LEU B 19 18.02 15.78 2.57
N THR B 20 16.74 15.45 2.71
CA THR B 20 16.10 15.39 4.02
C THR B 20 16.93 14.57 4.98
N GLU B 21 17.41 13.43 4.49
CA GLU B 21 18.21 12.50 5.28
C GLU B 21 19.51 13.15 5.75
N LYS B 22 20.15 13.90 4.86
CA LYS B 22 21.42 14.56 5.16
C LYS B 22 21.24 15.75 6.10
N LYS B 23 20.04 16.31 6.12
CA LYS B 23 19.73 17.41 7.04
C LYS B 23 19.39 16.88 8.42
N LEU B 24 18.74 15.72 8.47
CA LEU B 24 18.38 15.08 9.73
C LEU B 24 19.63 14.70 10.53
N HIS B 25 20.70 14.34 9.81
CA HIS B 25 21.93 13.95 10.47
C HIS B 25 22.74 15.15 10.97
N ARG B 26 22.12 16.32 10.96
CA ARG B 26 22.79 17.55 11.39
C ARG B 26 22.03 18.27 12.50
N ILE B 27 20.81 17.81 12.79
CA ILE B 27 20.00 18.44 13.81
C ILE B 27 20.65 18.32 15.20
N GLN B 28 20.32 19.26 16.08
CA GLN B 28 20.80 19.20 17.45
C GLN B 28 20.05 20.21 18.31
N PRO B 29 20.14 20.06 19.65
CA PRO B 29 21.04 19.13 20.34
C PRO B 29 20.49 17.72 20.52
N CYS B 30 21.28 16.86 21.16
CA CYS B 30 20.85 15.53 21.55
C CYS B 30 20.55 14.58 20.39
N ARG B 31 21.18 14.81 19.25
CA ARG B 31 20.93 13.97 18.08
C ARG B 31 21.25 12.50 18.33
N ASP B 32 22.37 12.25 19.01
CA ASP B 32 22.81 10.87 19.23
C ASP B 32 21.89 10.11 20.20
N GLU B 33 20.92 10.81 20.77
CA GLU B 33 19.96 10.18 21.66
C GLU B 33 18.72 9.69 20.89
N ILE B 34 18.65 10.03 19.62
CA ILE B 34 17.49 9.66 18.80
C ILE B 34 17.60 8.24 18.26
N SER B 35 16.53 7.47 18.43
CA SER B 35 16.50 6.09 17.98
C SER B 35 15.76 5.97 16.64
N ASN B 36 14.61 6.61 16.56
CA ASN B 36 13.77 6.51 15.37
C ASN B 36 13.21 7.86 14.90
N ILE B 37 13.19 8.05 13.59
CA ILE B 37 12.53 9.21 13.00
C ILE B 37 11.67 8.75 11.83
N HIS B 38 10.39 9.13 11.85
CA HIS B 38 9.50 8.82 10.74
C HIS B 38 8.94 10.10 10.15
N ILE B 39 9.33 10.39 8.92
CA ILE B 39 8.90 11.61 8.25
C ILE B 39 7.85 11.30 7.19
N ILE B 40 6.81 12.14 7.16
CA ILE B 40 5.73 11.99 6.20
C ILE B 40 5.58 13.22 5.32
N PHE B 41 5.69 13.02 4.02
CA PHE B 41 5.49 14.10 3.06
C PHE B 41 4.07 14.07 2.52
N HIS B 42 3.51 15.26 2.31
N HIS B 42 3.47 15.24 2.37
CA HIS B 42 2.09 15.40 2.00
CA HIS B 42 2.19 15.30 1.69
C HIS B 42 1.79 16.76 1.33
C HIS B 42 1.83 16.71 1.28
N ILE B 43 0.92 16.78 0.34
CA ILE B 43 0.51 18.05 -0.26
C ILE B 43 -1.01 18.22 -0.14
N ASN B 44 -1.43 19.39 0.31
CA ASN B 44 -2.84 19.72 0.33
C ASN B 44 -3.08 20.96 -0.53
N LYS B 45 -3.64 20.75 -1.71
CA LYS B 45 -3.78 21.82 -2.69
C LYS B 45 -2.41 22.44 -3.00
N LEU B 46 -2.16 23.62 -2.44
CA LEU B 46 -0.91 24.31 -2.67
C LEU B 46 0.12 24.05 -1.57
N LYS B 47 -0.37 23.64 -0.41
CA LYS B 47 0.49 23.46 0.76
C LYS B 47 1.37 22.22 0.65
N LYS B 48 2.66 22.39 0.97
CA LYS B 48 3.59 21.29 1.03
C LYS B 48 3.91 20.99 2.49
N ILE B 49 3.18 20.04 3.08
CA ILE B 49 3.36 19.71 4.49
C ILE B 49 4.35 18.57 4.72
N VAL B 50 5.08 18.64 5.82
CA VAL B 50 5.99 17.55 6.21
C VAL B 50 5.87 17.27 7.71
N ASP B 51 5.50 16.04 8.05
CA ASP B 51 5.39 15.63 9.44
C ASP B 51 6.63 14.86 9.89
N ALA B 52 6.91 14.91 11.18
CA ALA B 52 8.07 14.23 11.74
C ALA B 52 7.78 13.68 13.13
N ASN B 53 7.95 12.38 13.29
CA ASN B 53 7.83 11.74 14.59
C ASN B 53 9.20 11.27 15.06
N VAL B 54 9.66 11.84 16.16
CA VAL B 54 11.00 11.55 16.66
C VAL B 54 10.93 10.87 18.02
N LYS B 55 11.62 9.74 18.15
CA LYS B 55 11.59 8.97 19.39
C LYS B 55 12.90 9.09 20.15
N LEU B 56 12.77 9.40 21.44
CA LEU B 56 13.92 9.52 22.33
C LEU B 56 13.66 8.67 23.56
N PRO B 57 14.70 8.39 24.35
CA PRO B 57 14.52 7.70 25.63
C PRO B 57 13.50 8.42 26.50
N GLY B 58 12.34 7.82 26.69
CA GLY B 58 11.33 8.35 27.59
C GLY B 58 10.23 9.17 26.94
N SER B 59 10.57 9.91 25.89
CA SER B 59 9.61 10.84 25.29
C SER B 59 9.57 10.80 23.76
N THR B 60 8.60 11.54 23.20
CA THR B 60 8.38 11.57 21.77
C THR B 60 8.13 12.99 21.28
N ILE B 61 8.83 13.38 20.21
CA ILE B 61 8.67 14.71 19.63
C ILE B 61 7.84 14.68 18.35
N ASN B 62 6.81 15.51 18.30
CA ASN B 62 6.03 15.69 17.08
C ASN B 62 6.13 17.12 16.57
N ALA B 63 6.41 17.27 15.28
CA ALA B 63 6.51 18.57 14.64
C ALA B 63 6.01 18.55 13.20
N GLN B 64 5.43 19.67 12.77
CA GLN B 64 4.93 19.80 11.40
C GLN B 64 5.23 21.19 10.84
N ALA B 65 5.54 21.25 9.55
CA ALA B 65 5.78 22.52 8.86
C ALA B 65 5.12 22.51 7.49
N GLU B 66 5.07 23.67 6.84
CA GLU B 66 4.45 23.76 5.52
C GLU B 66 4.86 25.03 4.76
N SER B 67 4.82 24.93 3.43
CA SER B 67 5.12 26.06 2.55
C SER B 67 4.75 25.67 1.12
N ASP B 68 5.01 26.55 0.18
CA ASP B 68 4.69 26.27 -1.22
C ASP B 68 5.76 25.42 -1.87
N ASP B 69 6.83 25.14 -1.13
CA ASP B 69 7.95 24.38 -1.65
C ASP B 69 8.35 23.29 -0.67
N MSE B 70 8.30 22.04 -1.12
CA MSE B 70 8.61 20.90 -0.26
C MSE B 70 10.02 21.01 0.32
O MSE B 70 10.24 20.71 1.50
CB MSE B 70 8.44 19.58 -1.02
CG MSE B 70 8.38 18.36 -0.12
SE MSE B 70 6.74 18.25 0.92
CE MSE B 70 5.47 17.99 -0.54
N TYR B 71 10.97 21.46 -0.50
CA TYR B 71 12.33 21.66 -0.02
C TYR B 71 12.39 22.73 1.07
N LYS B 72 11.63 23.80 0.88
CA LYS B 72 11.58 24.87 1.86
C LYS B 72 10.89 24.39 3.13
N THR B 73 9.94 23.47 2.97
CA THR B 73 9.19 22.93 4.10
C THR B 73 10.09 22.05 4.98
N VAL B 74 10.95 21.27 4.34
CA VAL B 74 11.91 20.45 5.06
C VAL B 74 12.82 21.32 5.91
N ASP B 75 13.13 22.50 5.40
CA ASP B 75 14.00 23.44 6.11
C ASP B 75 13.34 23.91 7.40
N LEU B 76 12.11 24.37 7.29
CA LEU B 76 11.36 24.85 8.45
C LEU B 76 11.23 23.76 9.51
N LEU B 77 11.05 22.53 9.08
CA LEU B 77 10.84 21.41 9.98
C LEU B 77 12.07 21.19 10.87
N MSE B 78 13.25 21.27 10.26
CA MSE B 78 14.48 21.13 11.02
C MSE B 78 14.55 22.17 12.13
O MSE B 78 14.99 21.88 13.24
CB MSE B 78 15.69 21.27 10.10
CG MSE B 78 15.74 20.27 8.96
SE MSE B 78 15.63 18.42 9.55
CE MSE B 78 13.73 18.11 9.24
N HIS B 79 14.12 23.39 11.82
CA HIS B 79 14.09 24.46 12.81
C HIS B 79 13.16 24.11 13.96
N LYS B 80 11.99 23.57 13.63
CA LYS B 80 11.02 23.17 14.64
C LYS B 80 11.55 22.02 15.51
N LEU B 81 12.15 21.02 14.87
CA LEU B 81 12.74 19.89 15.59
C LEU B 81 13.82 20.33 16.56
N GLU B 82 14.71 21.22 16.10
CA GLU B 82 15.81 21.69 16.93
C GLU B 82 15.31 22.46 18.14
N THR B 83 14.21 23.18 17.97
CA THR B 83 13.57 23.89 19.08
C THR B 83 13.06 22.88 20.11
N GLN B 84 12.42 21.81 19.62
CA GLN B 84 11.88 20.76 20.48
C GLN B 84 12.99 19.98 21.19
N LEU B 85 14.06 19.71 20.47
CA LEU B 85 15.20 19.02 21.05
C LEU B 85 15.82 19.87 22.16
N SER B 86 15.71 21.19 22.03
CA SER B 86 16.25 22.09 23.04
C SER B 86 15.36 22.15 24.26
N LYS B 87 14.05 21.93 24.08
CA LYS B 87 13.12 21.85 25.19
C LYS B 87 13.37 20.53 25.93
N TYR B 88 13.56 19.46 25.15
CA TYR B 88 13.89 18.16 25.69
C TYR B 88 15.17 18.22 26.52
N LYS B 89 16.20 18.82 25.94
CA LYS B 89 17.49 18.95 26.60
C LYS B 89 17.40 19.82 27.85
N ALA B 90 16.60 20.88 27.76
CA ALA B 90 16.42 21.81 28.87
C ALA B 90 15.62 21.20 30.03
N LYS B 91 14.89 20.12 29.76
CA LYS B 91 13.95 19.55 30.72
C LYS B 91 14.57 18.48 31.61
N LYS B 92 15.87 18.30 31.51
CA LYS B 92 16.55 17.34 32.38
C LYS B 92 17.72 17.98 33.15
N MSE C 1 -20.01 -12.13 1.53
CA MSE C 1 -18.78 -12.38 0.79
C MSE C 1 -18.16 -11.10 0.24
O MSE C 1 -18.78 -10.36 -0.52
CB MSE C 1 -19.04 -13.35 -0.37
CG MSE C 1 -17.89 -13.44 -1.36
SE MSE C 1 -18.19 -14.68 -2.83
CE MSE C 1 -18.45 -16.29 -1.76
N HIS C 2 -16.92 -10.83 0.66
CA HIS C 2 -16.19 -9.66 0.17
C HIS C 2 -15.27 -10.03 -0.98
N ILE C 3 -15.37 -9.27 -2.08
CA ILE C 3 -14.58 -9.53 -3.26
C ILE C 3 -13.63 -8.38 -3.58
N GLN C 4 -12.36 -8.70 -3.76
CA GLN C 4 -11.36 -7.72 -4.17
C GLN C 4 -10.77 -8.08 -5.51
N MSE C 5 -10.47 -7.08 -6.31
CA MSE C 5 -9.84 -7.31 -7.60
C MSE C 5 -8.68 -6.34 -7.81
O MSE C 5 -8.80 -5.14 -7.58
CB MSE C 5 -10.87 -7.15 -8.73
CG MSE C 5 -12.17 -7.90 -8.49
SE MSE C 5 -13.14 -8.24 -10.12
CE MSE C 5 -14.84 -8.82 -9.34
N THR C 6 -7.55 -6.88 -8.25
CA THR C 6 -6.36 -6.07 -8.47
C THR C 6 -5.74 -6.32 -9.84
N GLY C 7 -5.60 -5.26 -10.63
CA GLY C 7 -4.91 -5.34 -11.89
C GLY C 7 -3.44 -5.06 -11.71
N GLN C 8 -2.61 -6.05 -12.02
CA GLN C 8 -1.17 -5.88 -11.93
C GLN C 8 -0.58 -5.64 -13.32
N GLY C 9 -0.42 -4.38 -13.67
CA GLY C 9 0.06 -3.99 -14.98
C GLY C 9 -1.07 -3.92 -15.98
N VAL C 10 -2.30 -4.10 -15.49
CA VAL C 10 -3.48 -4.05 -16.34
C VAL C 10 -4.66 -3.38 -15.65
N ASP C 11 -5.52 -2.75 -16.44
CA ASP C 11 -6.73 -2.13 -15.91
C ASP C 11 -7.93 -3.02 -16.18
N ILE C 12 -8.65 -3.39 -15.12
CA ILE C 12 -9.83 -4.21 -15.24
C ILE C 12 -11.01 -3.37 -15.69
N SER C 13 -11.56 -3.70 -16.86
CA SER C 13 -12.73 -3.00 -17.36
C SER C 13 -13.91 -3.25 -16.44
N PRO C 14 -14.84 -2.29 -16.36
CA PRO C 14 -16.05 -2.47 -15.55
C PRO C 14 -16.82 -3.71 -16.00
N ALA C 15 -16.79 -3.98 -17.30
CA ALA C 15 -17.47 -5.15 -17.86
C ALA C 15 -16.84 -6.44 -17.34
N LEU C 16 -15.51 -6.50 -17.36
CA LEU C 16 -14.80 -7.67 -16.88
C LEU C 16 -15.00 -7.83 -15.37
N ARG C 17 -15.03 -6.71 -14.67
CA ARG C 17 -15.23 -6.71 -13.23
C ARG C 17 -16.63 -7.23 -12.88
N GLU C 18 -17.62 -6.76 -13.61
CA GLU C 18 -19.01 -7.16 -13.39
C GLU C 18 -19.20 -8.63 -13.75
N LEU C 19 -18.63 -9.03 -14.87
CA LEU C 19 -18.72 -10.42 -15.34
C LEU C 19 -18.09 -11.37 -14.33
N THR C 20 -16.89 -11.05 -13.87
CA THR C 20 -16.18 -11.90 -12.92
C THR C 20 -16.90 -11.95 -11.59
N GLU C 21 -17.44 -10.81 -11.16
CA GLU C 21 -18.17 -10.74 -9.91
C GLU C 21 -19.45 -11.59 -9.98
N LYS C 22 -20.08 -11.59 -11.14
CA LYS C 22 -21.32 -12.34 -11.34
C LYS C 22 -21.06 -13.84 -11.33
N LYS C 23 -19.89 -14.25 -11.82
CA LYS C 23 -19.53 -15.67 -11.85
C LYS C 23 -19.11 -16.20 -10.49
N LEU C 24 -18.48 -15.34 -9.69
CA LEU C 24 -18.05 -15.73 -8.35
C LEU C 24 -19.23 -15.96 -7.41
N HIS C 25 -20.36 -15.34 -7.73
CA HIS C 25 -21.56 -15.52 -6.92
C HIS C 25 -22.39 -16.71 -7.39
N ARG C 26 -21.79 -17.55 -8.21
CA ARG C 26 -22.46 -18.74 -8.73
C ARG C 26 -21.66 -20.01 -8.51
N ILE C 27 -20.46 -19.89 -7.96
CA ILE C 27 -19.60 -21.04 -7.72
C ILE C 27 -20.18 -21.99 -6.67
N GLN C 28 -19.95 -23.28 -6.87
CA GLN C 28 -20.46 -24.30 -5.97
C GLN C 28 -19.39 -25.37 -5.76
N PRO C 29 -19.36 -25.98 -4.57
CA PRO C 29 -20.28 -25.70 -3.46
C PRO C 29 -19.65 -24.80 -2.39
N CYS C 30 -20.35 -24.65 -1.27
CA CYS C 30 -19.82 -23.97 -0.09
C CYS C 30 -19.61 -22.47 -0.26
N ARG C 31 -20.16 -21.89 -1.32
CA ARG C 31 -20.00 -20.45 -1.57
C ARG C 31 -20.34 -19.64 -0.34
N ASP C 32 -21.44 -19.99 0.32
CA ASP C 32 -21.94 -19.23 1.47
C ASP C 32 -21.04 -19.40 2.70
N GLU C 33 -19.98 -20.18 2.56
CA GLU C 33 -18.99 -20.32 3.63
C GLU C 33 -17.78 -19.42 3.37
N ILE C 34 -17.60 -19.03 2.12
CA ILE C 34 -16.47 -18.20 1.74
C ILE C 34 -16.56 -16.82 2.38
N SER C 35 -15.45 -16.37 2.95
CA SER C 35 -15.39 -15.08 3.63
C SER C 35 -14.83 -13.99 2.74
N ASN C 36 -13.64 -14.23 2.19
CA ASN C 36 -12.95 -13.26 1.33
C ASN C 36 -12.38 -13.89 0.06
N ILE C 37 -12.52 -13.17 -1.05
CA ILE C 37 -11.92 -13.57 -2.30
C ILE C 37 -11.07 -12.44 -2.86
N HIS C 38 -9.82 -12.72 -3.17
CA HIS C 38 -8.95 -11.71 -3.76
C HIS C 38 -8.46 -12.18 -5.13
N ILE C 39 -9.05 -11.62 -6.17
CA ILE C 39 -8.68 -11.96 -7.54
C ILE C 39 -7.67 -10.97 -8.08
N ILE C 40 -6.62 -11.49 -8.72
CA ILE C 40 -5.64 -10.64 -9.35
C ILE C 40 -5.53 -10.96 -10.84
N PHE C 41 -5.71 -9.94 -11.67
CA PHE C 41 -5.58 -10.09 -13.11
C PHE C 41 -4.17 -9.71 -13.55
N HIS C 42 -3.60 -10.53 -14.43
N HIS C 42 -3.58 -10.56 -14.38
CA HIS C 42 -2.22 -10.37 -14.86
CA HIS C 42 -2.24 -10.28 -14.89
C HIS C 42 -2.01 -10.87 -16.29
C HIS C 42 -2.08 -10.80 -16.31
N ILE C 43 -1.20 -10.16 -17.06
CA ILE C 43 -0.88 -10.61 -18.42
C ILE C 43 0.63 -10.73 -18.57
N ASN C 44 1.07 -11.84 -19.16
CA ASN C 44 2.49 -12.07 -19.42
C ASN C 44 2.66 -12.49 -20.86
N LYS C 45 3.17 -11.56 -21.69
CA LYS C 45 3.24 -11.80 -23.13
C LYS C 45 1.84 -11.95 -23.72
N LEU C 46 1.58 -13.11 -24.30
CA LEU C 46 0.27 -13.40 -24.88
C LEU C 46 -0.65 -14.03 -23.83
N LYS C 47 -0.08 -14.36 -22.69
CA LYS C 47 -0.81 -15.07 -21.65
C LYS C 47 -1.71 -14.16 -20.83
N LYS C 48 -2.96 -14.57 -20.67
CA LYS C 48 -3.88 -13.88 -19.76
C LYS C 48 -4.10 -14.74 -18.50
N ILE C 49 -3.31 -14.46 -17.46
CA ILE C 49 -3.42 -15.15 -16.17
C ILE C 49 -4.40 -14.49 -15.19
N VAL C 50 -5.18 -15.31 -14.48
CA VAL C 50 -6.02 -14.82 -13.39
C VAL C 50 -5.79 -15.64 -12.11
N ASP C 51 -5.39 -14.97 -11.04
CA ASP C 51 -5.15 -15.62 -9.76
C ASP C 51 -6.28 -15.34 -8.78
N ALA C 52 -6.47 -16.25 -7.82
CA ALA C 52 -7.56 -16.11 -6.86
C ALA C 52 -7.21 -16.69 -5.50
N ASN C 53 -7.34 -15.87 -4.47
CA ASN C 53 -7.16 -16.32 -3.09
C ASN C 53 -8.49 -16.31 -2.36
N VAL C 54 -8.95 -17.51 -2.01
CA VAL C 54 -10.26 -17.68 -1.39
C VAL C 54 -10.11 -18.10 0.07
N LYS C 55 -10.77 -17.36 0.96
CA LYS C 55 -10.66 -17.61 2.38
C LYS C 55 -11.95 -18.18 2.95
N LEU C 56 -11.84 -19.35 3.57
CA LEU C 56 -12.98 -19.98 4.25
C LEU C 56 -12.60 -20.22 5.70
N PRO C 57 -13.53 -20.79 6.48
CA PRO C 57 -13.18 -21.13 7.87
C PRO C 57 -12.14 -22.24 7.95
N GLY C 58 -10.95 -21.90 8.46
CA GLY C 58 -9.93 -22.89 8.77
C GLY C 58 -8.94 -23.18 7.65
N SER C 59 -9.21 -22.67 6.45
CA SER C 59 -8.38 -22.99 5.31
C SER C 59 -8.37 -21.91 4.23
N THR C 60 -7.37 -21.98 3.35
CA THR C 60 -7.21 -21.03 2.27
C THR C 60 -7.09 -21.75 0.94
N ILE C 61 -7.82 -21.28 -0.06
CA ILE C 61 -7.75 -21.87 -1.39
C ILE C 61 -7.08 -20.92 -2.37
N ASN C 62 -6.01 -21.38 -3.02
CA ASN C 62 -5.38 -20.61 -4.08
C ASN C 62 -5.51 -21.33 -5.41
N ALA C 63 -5.80 -20.57 -6.47
CA ALA C 63 -5.94 -21.15 -7.81
C ALA C 63 -5.52 -20.16 -8.89
N GLN C 64 -4.95 -20.69 -9.97
CA GLN C 64 -4.50 -19.85 -11.07
C GLN C 64 -4.91 -20.48 -12.40
N ALA C 65 -5.18 -19.63 -13.39
CA ALA C 65 -5.53 -20.09 -14.73
C ALA C 65 -5.02 -19.11 -15.77
N GLU C 66 -4.92 -19.57 -17.02
CA GLU C 66 -4.39 -18.72 -18.09
C GLU C 66 -4.85 -19.15 -19.47
N SER C 67 -4.83 -18.19 -20.40
CA SER C 67 -5.20 -18.43 -21.79
C SER C 67 -5.03 -17.13 -22.56
N ASP C 68 -5.32 -17.14 -23.85
CA ASP C 68 -5.12 -15.95 -24.67
C ASP C 68 -6.25 -14.92 -24.49
N ASP C 69 -7.26 -15.27 -23.70
CA ASP C 69 -8.39 -14.39 -23.46
C ASP C 69 -8.70 -14.25 -21.98
N MSE C 70 -8.75 -13.02 -21.49
CA MSE C 70 -8.99 -12.75 -20.07
C MSE C 70 -10.32 -13.35 -19.61
O MSE C 70 -10.40 -13.96 -18.54
CB MSE C 70 -8.98 -11.25 -19.79
CG MSE C 70 -8.93 -10.92 -18.30
SE MSE C 70 -7.20 -11.42 -17.52
CE MSE C 70 -6.07 -10.27 -18.63
N TYR C 71 -11.35 -13.15 -20.41
CA TYR C 71 -12.67 -13.71 -20.13
C TYR C 71 -12.59 -15.24 -20.13
N LYS C 72 -11.93 -15.79 -21.14
CA LYS C 72 -11.72 -17.23 -21.25
C LYS C 72 -11.02 -17.76 -19.99
N THR C 73 -10.07 -16.99 -19.48
CA THR C 73 -9.28 -17.40 -18.32
C THR C 73 -10.12 -17.44 -17.05
N VAL C 74 -10.91 -16.40 -16.83
CA VAL C 74 -11.79 -16.33 -15.67
C VAL C 74 -12.70 -17.55 -15.63
N ASP C 75 -13.26 -17.91 -16.79
CA ASP C 75 -14.13 -19.07 -16.90
C ASP C 75 -13.41 -20.31 -16.39
N LEU C 76 -12.16 -20.48 -16.80
CA LEU C 76 -11.36 -21.63 -16.36
C LEU C 76 -11.08 -21.58 -14.87
N LEU C 77 -10.80 -20.37 -14.35
CA LEU C 77 -10.48 -20.21 -12.94
C LEU C 77 -11.66 -20.63 -12.07
N MSE C 78 -12.87 -20.44 -12.59
CA MSE C 78 -14.07 -20.85 -11.89
C MSE C 78 -14.10 -22.36 -11.68
O MSE C 78 -14.40 -22.85 -10.60
CB MSE C 78 -15.34 -20.37 -12.62
CG MSE C 78 -15.45 -18.86 -12.76
SE MSE C 78 -15.43 -17.92 -11.04
CE MSE C 78 -13.56 -17.35 -11.02
N HIS C 79 -13.78 -23.11 -12.74
CA HIS C 79 -13.76 -24.57 -12.68
C HIS C 79 -12.72 -25.06 -11.67
N LYS C 80 -11.57 -24.42 -11.64
CA LYS C 80 -10.53 -24.76 -10.68
C LYS C 80 -10.99 -24.47 -9.26
N LEU C 81 -11.63 -23.32 -9.04
CA LEU C 81 -12.14 -22.99 -7.73
C LEU C 81 -13.19 -23.99 -7.27
N GLU C 82 -14.06 -24.41 -8.19
CA GLU C 82 -15.13 -25.34 -7.85
C GLU C 82 -14.60 -26.71 -7.47
N THR C 83 -13.54 -27.13 -8.16
CA THR C 83 -12.86 -28.38 -7.83
C THR C 83 -12.27 -28.29 -6.42
N GLN C 84 -11.55 -27.19 -6.17
CA GLN C 84 -10.89 -26.99 -4.88
C GLN C 84 -11.89 -26.82 -3.73
N LEU C 85 -13.09 -26.35 -4.05
CA LEU C 85 -14.15 -26.24 -3.06
C LEU C 85 -14.73 -27.62 -2.76
N SER C 86 -14.95 -28.41 -3.80
CA SER C 86 -15.47 -29.76 -3.63
C SER C 86 -14.51 -30.62 -2.82
N LYS C 87 -13.22 -30.32 -2.90
CA LYS C 87 -12.22 -30.99 -2.06
C LYS C 87 -12.40 -30.54 -0.62
N TYR C 88 -12.50 -29.24 -0.43
CA TYR C 88 -12.77 -28.67 0.89
C TYR C 88 -14.01 -29.30 1.53
N LYS C 89 -15.06 -29.46 0.73
CA LYS C 89 -16.31 -30.05 1.20
C LYS C 89 -16.15 -31.55 1.44
N ALA C 90 -15.39 -32.21 0.56
CA ALA C 90 -15.11 -33.63 0.69
C ALA C 90 -14.32 -33.93 1.96
N LYS C 91 -13.58 -32.94 2.45
CA LYS C 91 -12.86 -33.10 3.71
C LYS C 91 -13.69 -32.53 4.86
N LYS C 92 -14.98 -32.32 4.56
CA LYS C 92 -15.95 -31.75 5.50
C LYS C 92 -16.08 -30.24 5.32
N GLY C 93 -17.15 -29.81 4.64
CA GLY C 93 -17.40 -28.41 4.40
C GLY C 93 -18.30 -27.78 5.46
N MSE D 1 -10.18 -0.37 -5.86
CA MSE D 1 -9.79 0.35 -4.66
C MSE D 1 -8.51 -0.20 -4.03
O MSE D 1 -8.49 -1.34 -3.56
CB MSE D 1 -10.91 0.34 -3.61
CG MSE D 1 -10.43 0.75 -2.22
SE MSE D 1 -11.80 1.61 -1.14
CE MSE D 1 -12.54 2.79 -2.51
N HIS D 2 -7.47 0.61 -4.02
CA HIS D 2 -6.19 0.23 -3.40
C HIS D 2 -5.95 1.02 -2.11
N ILE D 3 -5.90 0.31 -0.99
CA ILE D 3 -5.75 0.94 0.32
C ILE D 3 -4.36 0.74 0.90
N GLN D 4 -3.75 1.81 1.38
CA GLN D 4 -2.49 1.70 2.12
C GLN D 4 -2.63 2.38 3.47
N MSE D 5 -2.01 1.78 4.50
CA MSE D 5 -2.07 2.33 5.85
C MSE D 5 -0.70 2.39 6.49
O MSE D 5 0.03 1.40 6.54
CB MSE D 5 -3.00 1.47 6.72
CG MSE D 5 -4.40 1.31 6.17
SE MSE D 5 -5.57 0.36 7.41
CE MSE D 5 -7.13 0.17 6.27
N THR D 6 -0.35 3.57 6.99
CA THR D 6 0.94 3.78 7.62
C THR D 6 0.78 4.19 9.08
N GLY D 7 1.60 3.61 9.96
CA GLY D 7 1.65 4.02 11.34
C GLY D 7 2.88 4.88 11.60
N GLN D 8 2.66 6.14 11.92
CA GLN D 8 3.77 7.03 12.21
C GLN D 8 4.06 7.09 13.70
N GLY D 9 5.08 6.35 14.13
CA GLY D 9 5.43 6.27 15.53
C GLY D 9 4.52 5.32 16.28
N VAL D 10 3.56 4.74 15.56
CA VAL D 10 2.60 3.81 16.16
C VAL D 10 2.45 2.55 15.33
N ASP D 11 2.09 1.45 16.00
CA ASP D 11 1.81 0.19 15.33
C ASP D 11 0.31 0.02 15.12
N ILE D 12 -0.06 -0.47 13.94
CA ILE D 12 -1.46 -0.70 13.62
C ILE D 12 -1.81 -2.16 13.85
N SER D 13 -2.59 -2.43 14.90
CA SER D 13 -3.01 -3.79 15.20
C SER D 13 -3.82 -4.35 14.03
N PRO D 14 -3.76 -5.67 13.84
CA PRO D 14 -4.53 -6.33 12.77
C PRO D 14 -6.02 -6.00 12.88
N ALA D 15 -6.51 -5.91 14.11
CA ALA D 15 -7.92 -5.60 14.35
C ALA D 15 -8.26 -4.21 13.87
N LEU D 16 -7.45 -3.23 14.25
CA LEU D 16 -7.66 -1.85 13.81
C LEU D 16 -7.56 -1.75 12.30
N ARG D 17 -6.62 -2.51 11.73
CA ARG D 17 -6.42 -2.55 10.29
C ARG D 17 -7.65 -3.11 9.58
N GLU D 18 -8.01 -4.33 9.93
CA GLU D 18 -9.14 -5.02 9.32
C GLU D 18 -10.42 -4.20 9.47
N LEU D 19 -10.55 -3.54 10.61
CA LEU D 19 -11.73 -2.73 10.89
C LEU D 19 -11.78 -1.49 9.98
N THR D 20 -10.66 -0.77 9.91
CA THR D 20 -10.58 0.42 9.07
C THR D 20 -10.84 0.08 7.61
N GLU D 21 -10.28 -1.03 7.15
CA GLU D 21 -10.47 -1.48 5.78
C GLU D 21 -11.93 -1.84 5.52
N LYS D 22 -12.56 -2.45 6.52
CA LYS D 22 -13.97 -2.82 6.42
C LYS D 22 -14.86 -1.61 6.24
N LYS D 23 -14.55 -0.52 6.94
CA LYS D 23 -15.34 0.70 6.86
C LYS D 23 -15.07 1.48 5.57
N LEU D 24 -13.82 1.48 5.12
CA LEU D 24 -13.46 2.15 3.88
C LEU D 24 -14.22 1.55 2.70
N HIS D 25 -14.56 0.27 2.79
CA HIS D 25 -15.29 -0.41 1.74
C HIS D 25 -16.80 -0.16 1.85
N ARG D 26 -17.20 0.68 2.80
CA ARG D 26 -18.61 0.98 3.01
C ARG D 26 -18.99 2.41 2.62
N ILE D 27 -17.99 3.26 2.41
CA ILE D 27 -18.22 4.69 2.19
C ILE D 27 -19.08 5.01 0.96
N GLN D 28 -19.95 5.99 1.13
CA GLN D 28 -20.80 6.50 0.06
C GLN D 28 -20.66 8.02 0.04
N PRO D 29 -20.83 8.64 -1.13
CA PRO D 29 -21.08 7.99 -2.42
C PRO D 29 -19.82 7.94 -3.29
N CYS D 30 -19.94 7.39 -4.48
CA CYS D 30 -18.86 7.39 -5.46
C CYS D 30 -17.67 6.51 -5.07
N ARG D 31 -17.89 5.59 -4.15
CA ARG D 31 -16.80 4.73 -3.69
C ARG D 31 -16.06 4.05 -4.83
N ASP D 32 -16.81 3.59 -5.83
CA ASP D 32 -16.22 2.80 -6.92
C ASP D 32 -15.42 3.63 -7.92
N GLU D 33 -15.27 4.92 -7.64
CA GLU D 33 -14.47 5.79 -8.50
C GLU D 33 -13.13 6.10 -7.84
N ILE D 34 -12.96 5.62 -6.61
CA ILE D 34 -11.72 5.82 -5.87
C ILE D 34 -10.63 4.86 -6.35
N SER D 35 -9.42 5.37 -6.53
CA SER D 35 -8.30 4.55 -7.01
C SER D 35 -7.32 4.23 -5.90
N ASN D 36 -6.96 5.23 -5.10
CA ASN D 36 -6.00 5.05 -4.02
C ASN D 36 -6.42 5.74 -2.72
N ILE D 37 -6.30 5.01 -1.61
CA ILE D 37 -6.50 5.58 -0.29
C ILE D 37 -5.25 5.34 0.55
N HIS D 38 -4.67 6.42 1.06
CA HIS D 38 -3.51 6.31 1.94
C HIS D 38 -3.84 6.86 3.31
N ILE D 39 -3.95 5.96 4.29
CA ILE D 39 -4.30 6.35 5.66
C ILE D 39 -3.07 6.41 6.56
N ILE D 40 -3.05 7.41 7.44
CA ILE D 40 -1.95 7.54 8.38
C ILE D 40 -2.45 7.67 9.81
N PHE D 41 -2.14 6.66 10.63
CA PHE D 41 -2.44 6.71 12.06
C PHE D 41 -1.25 7.31 12.80
N HIS D 42 -1.52 8.16 13.77
N HIS D 42 -1.52 8.19 13.75
CA HIS D 42 -0.47 8.84 14.52
CA HIS D 42 -0.46 8.65 14.62
C HIS D 42 -0.99 9.39 15.85
C HIS D 42 -1.01 9.24 15.89
N ILE D 43 -0.14 9.34 16.89
CA ILE D 43 -0.53 9.80 18.22
C ILE D 43 0.23 11.04 18.66
N ASN D 44 -0.51 12.04 19.11
CA ASN D 44 0.08 13.24 19.66
C ASN D 44 -0.46 13.49 21.06
N LYS D 45 0.33 13.14 22.06
CA LYS D 45 -0.12 13.21 23.45
C LYS D 45 -1.31 12.28 23.68
N LEU D 46 -2.45 12.87 24.02
CA LEU D 46 -3.68 12.11 24.24
C LEU D 46 -4.48 11.95 22.96
N LYS D 47 -4.11 12.72 21.95
CA LYS D 47 -4.86 12.75 20.69
C LYS D 47 -4.55 11.55 19.79
N LYS D 48 -5.58 10.78 19.49
CA LYS D 48 -5.49 9.72 18.51
C LYS D 48 -5.94 10.27 17.17
N ILE D 49 -5.00 10.41 16.23
CA ILE D 49 -5.26 11.08 14.97
C ILE D 49 -5.18 10.13 13.77
N VAL D 50 -6.19 10.17 12.92
CA VAL D 50 -6.18 9.41 11.68
C VAL D 50 -6.32 10.38 10.49
N ASP D 51 -5.54 10.14 9.45
CA ASP D 51 -5.45 11.06 8.33
C ASP D 51 -5.57 10.31 7.01
N ALA D 52 -6.33 10.85 6.07
CA ALA D 52 -6.61 10.14 4.83
C ALA D 52 -6.34 10.95 3.57
N ASN D 53 -5.81 10.29 2.56
CA ASN D 53 -5.62 10.88 1.24
C ASN D 53 -6.31 10.02 0.18
N VAL D 54 -7.42 10.52 -0.36
CA VAL D 54 -8.21 9.77 -1.34
C VAL D 54 -8.05 10.34 -2.74
N LYS D 55 -7.71 9.48 -3.70
CA LYS D 55 -7.50 9.91 -5.07
C LYS D 55 -8.67 9.51 -5.97
N LEU D 56 -9.36 10.51 -6.51
CA LEU D 56 -10.43 10.30 -7.47
C LEU D 56 -9.98 10.78 -8.84
N PRO D 57 -10.74 10.42 -9.90
CA PRO D 57 -10.39 10.93 -11.23
C PRO D 57 -10.56 12.45 -11.31
N GLY D 58 -9.44 13.16 -11.37
CA GLY D 58 -9.46 14.61 -11.55
C GLY D 58 -9.20 15.40 -10.29
N SER D 59 -9.48 14.80 -9.14
CA SER D 59 -9.31 15.50 -7.86
C SER D 59 -8.76 14.60 -6.75
N THR D 60 -8.38 15.22 -5.65
CA THR D 60 -7.86 14.50 -4.50
C THR D 60 -8.53 15.01 -3.23
N ILE D 61 -8.85 14.10 -2.32
CA ILE D 61 -9.46 14.47 -1.04
C ILE D 61 -8.51 14.21 0.12
N ASN D 62 -8.34 15.21 0.97
CA ASN D 62 -7.57 15.07 2.20
C ASN D 62 -8.44 15.36 3.41
N ALA D 63 -8.48 14.42 4.34
CA ALA D 63 -9.30 14.57 5.55
C ALA D 63 -8.56 14.07 6.78
N GLN D 64 -8.76 14.77 7.90
CA GLN D 64 -8.14 14.39 9.16
C GLN D 64 -9.17 14.46 10.29
N ALA D 65 -9.04 13.56 11.26
CA ALA D 65 -9.91 13.56 12.43
C ALA D 65 -9.14 13.12 13.68
N GLU D 66 -9.68 13.40 14.86
CA GLU D 66 -9.01 13.03 16.09
C GLU D 66 -9.95 12.85 17.29
N SER D 67 -9.51 12.04 18.24
CA SER D 67 -10.23 11.80 19.48
C SER D 67 -9.30 11.08 20.45
N ASP D 68 -9.80 10.70 21.61
CA ASP D 68 -8.98 9.99 22.59
C ASP D 68 -8.95 8.48 22.34
N ASP D 69 -9.56 8.08 21.24
CA ASP D 69 -9.68 6.65 20.91
C ASP D 69 -9.55 6.45 19.41
N MSE D 70 -8.53 5.69 19.00
CA MSE D 70 -8.25 5.50 17.58
C MSE D 70 -9.44 4.92 16.82
O MSE D 70 -9.79 5.42 15.75
CB MSE D 70 -7.02 4.60 17.40
CG MSE D 70 -6.37 4.70 16.03
SE MSE D 70 -5.37 6.37 15.74
CE MSE D 70 -4.06 6.21 17.18
N TYR D 71 -10.06 3.87 17.36
CA TYR D 71 -11.23 3.28 16.73
C TYR D 71 -12.33 4.33 16.51
N LYS D 72 -12.52 5.20 17.50
CA LYS D 72 -13.50 6.26 17.39
C LYS D 72 -13.06 7.29 16.35
N THR D 73 -11.76 7.52 16.26
CA THR D 73 -11.22 8.49 15.31
C THR D 73 -11.49 8.05 13.87
N VAL D 74 -11.25 6.78 13.59
CA VAL D 74 -11.52 6.24 12.26
C VAL D 74 -12.98 6.47 11.88
N ASP D 75 -13.88 6.16 12.81
CA ASP D 75 -15.30 6.36 12.60
C ASP D 75 -15.62 7.80 12.21
N LEU D 76 -15.00 8.75 12.90
CA LEU D 76 -15.18 10.17 12.58
C LEU D 76 -14.68 10.51 11.18
N LEU D 77 -13.47 10.03 10.87
CA LEU D 77 -12.84 10.30 9.58
C LEU D 77 -13.74 9.90 8.41
N MSE D 78 -14.43 8.77 8.57
CA MSE D 78 -15.33 8.27 7.54
C MSE D 78 -16.45 9.27 7.26
O MSE D 78 -16.82 9.50 6.10
CB MSE D 78 -15.93 6.92 7.94
CG MSE D 78 -14.89 5.85 8.23
SE MSE D 78 -13.85 5.35 6.65
CE MSE D 78 -12.07 5.36 7.45
N HIS D 79 -16.99 9.87 8.32
CA HIS D 79 -18.04 10.87 8.17
C HIS D 79 -17.52 12.08 7.41
N LYS D 80 -16.26 12.43 7.64
CA LYS D 80 -15.63 13.54 6.93
C LYS D 80 -15.37 13.18 5.46
N LEU D 81 -14.94 11.95 5.23
CA LEU D 81 -14.73 11.48 3.86
C LEU D 81 -16.03 11.53 3.06
N GLU D 82 -17.08 10.91 3.59
CA GLU D 82 -18.36 10.83 2.90
C GLU D 82 -18.91 12.21 2.58
N THR D 83 -18.60 13.18 3.43
CA THR D 83 -19.00 14.57 3.21
C THR D 83 -18.27 15.15 2.01
N GLN D 84 -16.98 14.85 1.89
CA GLN D 84 -16.19 15.33 0.77
C GLN D 84 -16.52 14.56 -0.52
N LEU D 85 -16.89 13.30 -0.36
CA LEU D 85 -17.29 12.48 -1.50
C LEU D 85 -18.63 12.98 -2.06
N SER D 86 -19.47 13.50 -1.18
CA SER D 86 -20.75 14.06 -1.60
C SER D 86 -20.55 15.41 -2.28
N LYS D 87 -19.58 16.19 -1.81
CA LYS D 87 -19.23 17.46 -2.45
C LYS D 87 -18.66 17.18 -3.84
N TYR D 88 -17.75 16.21 -3.89
CA TYR D 88 -17.21 15.76 -5.17
C TYR D 88 -18.34 15.38 -6.12
N LYS D 89 -19.28 14.59 -5.62
CA LYS D 89 -20.39 14.11 -6.45
C LYS D 89 -21.28 15.26 -6.93
N ALA D 90 -21.49 16.24 -6.07
CA ALA D 90 -22.34 17.38 -6.41
C ALA D 90 -21.71 18.33 -7.43
N LYS D 91 -20.41 18.19 -7.66
CA LYS D 91 -19.69 19.14 -8.50
C LYS D 91 -19.52 18.72 -9.96
N LYS D 92 -19.85 17.47 -10.27
CA LYS D 92 -19.71 17.00 -11.64
C LYS D 92 -20.91 17.38 -12.50
N GLY D 93 -20.75 17.27 -13.82
CA GLY D 93 -21.81 17.64 -14.75
C GLY D 93 -21.99 16.64 -15.87
S SO4 E . 6.52 -10.29 8.92
O1 SO4 E . 7.01 -9.50 7.79
O2 SO4 E . 7.25 -9.93 10.13
O3 SO4 E . 5.10 -10.03 9.11
O4 SO4 E . 6.72 -11.71 8.64
S SO4 F . 11.46 17.03 -6.63
O1 SO4 F . 11.64 18.34 -7.27
O2 SO4 F . 12.15 17.02 -5.34
O3 SO4 F . 10.05 16.77 -6.43
O4 SO4 F . 12.06 16.01 -7.48
S SO4 G . -11.02 -19.01 11.07
O1 SO4 G . -10.50 -17.85 10.35
O2 SO4 G . -10.46 -19.05 12.41
O3 SO4 G . -12.48 -18.91 11.15
O4 SO4 G . -10.65 -20.21 10.35
S SO4 H . -6.58 11.69 -13.39
O1 SO4 H . -6.35 12.83 -14.26
O2 SO4 H . -5.75 11.80 -12.20
O3 SO4 H . -7.98 11.67 -12.98
O4 SO4 H . -6.28 10.45 -14.10
#